data_2QDR
#
_entry.id   2QDR
#
_cell.length_a   102.096
_cell.length_b   102.096
_cell.length_c   250.807
_cell.angle_alpha   90.000
_cell.angle_beta   90.000
_cell.angle_gamma   120.000
#
_symmetry.space_group_name_H-M   'P 62 2 2'
#
loop_
_entity.id
_entity.type
_entity.pdbx_description
1 polymer 'Uncharacterized protein'
2 non-polymer 'UNKNOWN LIGAND'
3 non-polymer '4-(2-HYDROXYETHYL)-1-PIPERAZINE ETHANESULFONIC ACID'
4 water water
#
_entity_poly.entity_id   1
_entity_poly.type   'polypeptide(L)'
_entity_poly.pdbx_seq_one_letter_code
;G(MSE)ENEENSAREQEADDFLHIASVKEDWGGDGRGR(MSE)NLSGRRTAIAKEYLPRQYQFFDTNTV(MSE)EKQGWR
VRG(MSE)PDNIAPGSRRLLTWHDSGASTSRVVLPPKFEAPSGIFTADLEIFVIKGAIQLGEWQLNKHSYSFIPAGVRIG
SWKVLGGEEAEILW(MSE)ENGSVPLEYKYAQEDHPDARLSDFIPALDSKLLPWGKADTVQFVQANKKWLRKDINGGGVW
LLAILPHFDNKYQ(MSE)IQPYNEEGYCLTGYCDVGDYRIVKDHYWYCPSFSTLPRHITDDGGLFFVRVDRDLSKVATVL
SYAPQDT
;
_entity_poly.pdbx_strand_id   A,B
#
# COMPACT_ATOMS: atom_id res chain seq x y z
N PHE A 17 46.02 -2.77 -1.10
CA PHE A 17 45.69 -2.36 -2.50
C PHE A 17 44.17 -2.43 -2.68
N LEU A 18 43.70 -2.20 -3.93
CA LEU A 18 42.25 -2.19 -4.31
C LEU A 18 41.46 -1.07 -3.64
N HIS A 19 41.21 -1.23 -2.34
CA HIS A 19 40.48 -0.23 -1.54
C HIS A 19 41.37 0.95 -1.24
N ILE A 20 41.02 2.11 -1.81
CA ILE A 20 41.74 3.34 -1.59
C ILE A 20 40.83 4.52 -1.94
N ALA A 21 41.11 5.66 -1.31
CA ALA A 21 40.43 6.97 -1.54
C ALA A 21 38.96 7.17 -1.09
N SER A 22 38.48 6.49 -0.03
CA SER A 22 37.08 6.65 0.44
C SER A 22 36.81 8.07 1.05
N VAL A 23 36.06 8.89 0.29
CA VAL A 23 35.73 10.27 0.66
C VAL A 23 34.78 10.38 1.88
N LYS A 24 35.04 11.38 2.75
CA LYS A 24 34.21 11.65 3.95
C LYS A 24 32.82 12.11 3.52
N GLU A 25 31.86 11.94 4.41
CA GLU A 25 30.44 12.24 4.13
C GLU A 25 30.02 13.69 4.49
N ASP A 26 29.30 14.32 3.56
CA ASP A 26 28.75 15.70 3.57
C ASP A 26 28.40 16.26 4.95
N TRP A 27 27.60 15.50 5.69
CA TRP A 27 27.12 15.85 7.04
C TRP A 27 28.12 15.70 8.19
N GLY A 28 29.29 15.09 7.95
CA GLY A 28 30.31 14.88 8.99
C GLY A 28 30.65 13.41 9.31
N GLY A 29 30.35 12.48 8.40
CA GLY A 29 30.67 11.08 8.61
C GLY A 29 32.13 10.80 8.29
N ASP A 30 32.58 9.60 8.60
CA ASP A 30 34.00 9.18 8.38
C ASP A 30 34.28 8.43 7.04
N GLY A 31 33.30 8.36 6.14
CA GLY A 31 33.47 7.68 4.85
C GLY A 31 33.59 6.17 4.81
N ARG A 32 33.41 5.51 5.96
CA ARG A 32 33.47 4.05 6.07
C ARG A 32 32.26 3.41 5.37
N GLY A 33 31.17 4.16 5.28
CA GLY A 33 29.94 3.72 4.60
C GLY A 33 30.18 3.40 3.13
N ARG A 34 31.14 4.10 2.50
CA ARG A 34 31.55 3.86 1.10
C ARG A 34 30.41 4.00 0.08
N ASN A 36 29.10 7.25 -0.93
CA ASN A 36 29.41 8.45 -1.71
C ASN A 36 28.17 9.20 -2.24
N LEU A 37 27.11 9.28 -1.42
CA LEU A 37 25.88 10.03 -1.77
C LEU A 37 26.03 11.54 -1.67
N SER A 38 27.12 12.01 -1.07
CA SER A 38 27.40 13.42 -0.91
C SER A 38 27.71 14.14 -2.20
N GLY A 39 27.36 15.43 -2.25
CA GLY A 39 27.63 16.32 -3.37
C GLY A 39 27.32 15.91 -4.80
N ARG A 40 26.19 15.23 -5.01
CA ARG A 40 25.84 14.78 -6.37
C ARG A 40 24.97 15.74 -7.21
N ARG A 41 25.16 15.63 -8.52
CA ARG A 41 24.47 16.40 -9.53
C ARG A 41 23.28 15.55 -9.96
N THR A 42 22.09 16.11 -10.09
CA THR A 42 20.94 15.33 -10.54
C THR A 42 20.82 15.41 -12.07
N ALA A 43 19.91 14.61 -12.61
CA ALA A 43 19.64 14.59 -14.04
C ALA A 43 18.97 15.87 -14.49
N ILE A 44 18.23 16.52 -13.60
CA ILE A 44 17.53 17.77 -13.90
C ILE A 44 18.27 19.07 -13.51
N ALA A 45 19.47 18.98 -12.92
CA ALA A 45 20.22 20.17 -12.49
C ALA A 45 21.62 20.22 -13.07
N LYS A 46 22.05 21.42 -13.47
CA LYS A 46 23.37 21.64 -14.07
C LYS A 46 24.55 21.40 -13.11
N GLU A 47 24.33 21.52 -11.79
CA GLU A 47 25.38 21.34 -10.77
C GLU A 47 24.75 20.87 -9.48
N TYR A 48 25.60 20.54 -8.51
CA TYR A 48 25.17 20.12 -7.18
C TYR A 48 24.54 21.32 -6.50
N LEU A 49 23.30 21.13 -6.02
CA LEU A 49 22.52 22.15 -5.33
C LEU A 49 22.49 21.78 -3.85
N PRO A 50 23.33 22.45 -3.02
CA PRO A 50 23.36 22.06 -1.61
C PRO A 50 22.08 22.33 -0.84
N ARG A 51 21.77 21.41 0.07
CA ARG A 51 20.62 21.45 0.95
C ARG A 51 19.27 21.61 0.22
N GLN A 52 19.20 21.12 -1.02
CA GLN A 52 17.99 21.23 -1.85
C GLN A 52 17.46 19.88 -2.27
N TYR A 53 16.22 19.57 -1.84
CA TYR A 53 15.57 18.32 -2.21
C TYR A 53 15.20 18.44 -3.67
N GLN A 54 15.30 17.34 -4.43
CA GLN A 54 14.95 17.34 -5.85
C GLN A 54 14.17 16.08 -6.18
N PHE A 55 13.02 16.23 -6.85
CA PHE A 55 12.16 15.14 -7.24
C PHE A 55 11.93 15.16 -8.74
N PHE A 56 11.93 13.98 -9.37
CA PHE A 56 11.68 13.91 -10.82
C PHE A 56 11.28 12.51 -11.31
N ASP A 57 10.57 12.49 -12.43
CA ASP A 57 10.09 11.29 -13.07
C ASP A 57 11.26 10.72 -13.87
N THR A 58 11.67 9.49 -13.56
CA THR A 58 12.76 8.83 -14.27
C THR A 58 12.37 8.49 -15.73
N ASN A 59 11.07 8.35 -16.02
CA ASN A 59 10.58 8.09 -17.37
C ASN A 59 11.04 9.18 -18.34
N THR A 60 10.99 10.44 -17.89
CA THR A 60 11.40 11.60 -18.70
C THR A 60 12.92 11.86 -18.75
N VAL A 61 13.72 11.14 -17.95
CA VAL A 61 15.17 11.29 -17.98
C VAL A 61 15.59 10.62 -19.27
N GLU A 63 17.24 8.39 -21.95
CA GLU A 63 17.72 7.03 -21.99
C GLU A 63 18.79 6.85 -23.06
N LYS A 64 20.05 6.89 -22.66
CA LYS A 64 21.17 6.71 -23.58
C LYS A 64 21.30 5.24 -23.91
N GLN A 65 21.06 4.88 -25.16
CA GLN A 65 21.18 3.49 -25.63
C GLN A 65 22.65 3.15 -25.81
N GLY A 66 22.94 1.87 -26.04
CA GLY A 66 24.32 1.43 -26.25
C GLY A 66 25.25 1.53 -25.03
N TRP A 67 24.68 1.50 -23.83
CA TRP A 67 25.47 1.57 -22.60
C TRP A 67 26.17 0.24 -22.37
N ARG A 68 27.41 0.32 -21.87
CA ARG A 68 28.23 -0.83 -21.63
C ARG A 68 29.20 -0.50 -20.50
N VAL A 69 29.42 -1.44 -19.57
CA VAL A 69 30.34 -1.20 -18.44
C VAL A 69 31.77 -1.17 -18.96
N ARG A 70 32.55 -0.15 -18.56
CA ARG A 70 33.94 0.02 -19.03
C ARG A 70 34.75 -1.24 -18.67
N GLY A 71 35.51 -1.77 -19.64
CA GLY A 71 36.31 -2.98 -19.46
C GLY A 71 35.62 -4.27 -19.94
N PRO A 73 33.91 -6.98 -22.44
CA PRO A 73 34.22 -7.25 -23.85
C PRO A 73 33.22 -6.53 -24.76
N ASP A 74 33.70 -5.94 -25.84
CA ASP A 74 32.80 -5.16 -26.75
C ASP A 74 31.71 -6.00 -27.45
N ASN A 75 31.93 -7.31 -27.62
CA ASN A 75 30.91 -8.19 -28.25
C ASN A 75 29.62 -8.39 -27.40
N ILE A 76 29.70 -8.11 -26.09
CA ILE A 76 28.58 -8.26 -25.17
C ILE A 76 27.43 -7.33 -25.60
N ALA A 77 26.18 -7.79 -25.40
CA ALA A 77 25.01 -7.00 -25.79
C ALA A 77 24.95 -5.75 -24.94
N PRO A 78 24.59 -4.59 -25.54
CA PRO A 78 24.52 -3.37 -24.75
C PRO A 78 23.16 -3.18 -24.08
N GLY A 79 23.15 -2.36 -23.04
CA GLY A 79 21.94 -2.01 -22.30
C GLY A 79 21.71 -0.53 -22.56
N SER A 80 20.74 0.03 -21.84
CA SER A 80 20.42 1.45 -21.94
C SER A 80 20.63 1.98 -20.55
N ARG A 81 20.77 3.30 -20.41
CA ARG A 81 20.94 3.91 -19.08
C ARG A 81 20.34 5.31 -18.97
N ARG A 82 19.66 5.52 -17.84
CA ARG A 82 19.05 6.77 -17.43
C ARG A 82 19.84 7.12 -16.20
N LEU A 83 20.75 8.09 -16.33
CA LEU A 83 21.61 8.52 -15.24
C LEU A 83 20.85 9.48 -14.31
N LEU A 84 20.47 8.99 -13.13
CA LEU A 84 19.70 9.78 -12.14
C LEU A 84 20.53 10.82 -11.35
N THR A 85 21.56 10.35 -10.66
CA THR A 85 22.48 11.21 -9.90
C THR A 85 23.88 10.67 -9.99
N TRP A 86 24.86 11.57 -9.92
CA TRP A 86 26.27 11.17 -9.97
C TRP A 86 27.18 12.23 -9.40
N HIS A 87 28.40 11.80 -9.10
CA HIS A 87 29.47 12.65 -8.58
C HIS A 87 30.62 12.43 -9.55
N ASP A 88 31.47 13.43 -9.73
CA ASP A 88 32.62 13.33 -10.67
C ASP A 88 33.69 12.28 -10.28
N SER A 89 33.76 11.90 -8.99
CA SER A 89 34.68 10.87 -8.52
C SER A 89 34.35 9.48 -9.12
N GLY A 90 33.09 9.27 -9.53
CA GLY A 90 32.66 8.00 -10.15
C GLY A 90 31.31 7.49 -9.66
N ALA A 91 31.02 7.70 -8.39
CA ALA A 91 29.76 7.25 -7.80
C ALA A 91 28.52 7.71 -8.58
N SER A 92 27.51 6.83 -8.68
CA SER A 92 26.28 7.14 -9.40
C SER A 92 25.11 6.20 -9.11
N THR A 93 23.93 6.65 -9.50
CA THR A 93 22.69 5.88 -9.37
C THR A 93 22.02 6.01 -10.73
N SER A 94 21.52 4.91 -11.26
CA SER A 94 20.89 4.93 -12.58
C SER A 94 19.93 3.78 -12.81
N ARG A 95 19.03 4.00 -13.75
CA ARG A 95 18.01 3.04 -14.14
C ARG A 95 18.47 2.48 -15.46
N VAL A 96 18.94 1.22 -15.43
CA VAL A 96 19.44 0.56 -16.64
C VAL A 96 18.43 -0.46 -17.13
N VAL A 97 18.49 -0.77 -18.42
CA VAL A 97 17.59 -1.76 -19.02
C VAL A 97 18.44 -2.72 -19.84
N LEU A 98 18.49 -3.97 -19.40
CA LEU A 98 19.25 -5.01 -20.06
C LEU A 98 18.31 -5.76 -21.02
N PRO A 99 18.74 -6.01 -22.28
CA PRO A 99 17.86 -6.70 -23.22
C PRO A 99 17.69 -8.21 -22.97
N PRO A 100 16.66 -8.85 -23.56
CA PRO A 100 16.33 -10.29 -23.43
C PRO A 100 17.48 -11.31 -23.49
N LYS A 101 18.36 -11.21 -24.49
CA LYS A 101 19.50 -12.13 -24.64
C LYS A 101 20.80 -11.62 -23.99
N PHE A 102 20.71 -10.68 -23.04
CA PHE A 102 21.91 -10.15 -22.38
C PHE A 102 22.61 -11.28 -21.65
N GLU A 103 23.93 -11.35 -21.82
CA GLU A 103 24.75 -12.37 -21.20
C GLU A 103 26.17 -11.82 -21.06
N ALA A 104 26.67 -11.76 -19.83
CA ALA A 104 27.99 -11.24 -19.52
C ALA A 104 28.86 -12.31 -18.83
N PRO A 105 30.19 -12.16 -18.96
CA PRO A 105 31.11 -13.12 -18.36
C PRO A 105 31.34 -12.84 -16.89
N SER A 106 32.00 -13.79 -16.24
CA SER A 106 32.34 -13.71 -14.83
C SER A 106 33.51 -12.73 -14.68
N GLY A 107 33.70 -12.26 -13.46
CA GLY A 107 34.78 -11.33 -13.16
C GLY A 107 34.47 -10.51 -11.93
N ILE A 108 35.22 -9.42 -11.77
CA ILE A 108 35.04 -8.50 -10.65
C ILE A 108 34.77 -7.12 -11.18
N PHE A 109 34.48 -6.22 -10.26
CA PHE A 109 34.27 -4.81 -10.58
C PHE A 109 35.19 -4.02 -9.65
N THR A 110 35.74 -2.92 -10.14
CA THR A 110 36.67 -2.07 -9.36
C THR A 110 36.01 -1.18 -8.29
N ALA A 111 34.68 -1.28 -8.11
CA ALA A 111 33.96 -0.47 -7.12
C ALA A 111 32.78 -1.24 -6.56
N ASP A 112 32.32 -0.81 -5.38
CA ASP A 112 31.17 -1.43 -4.75
C ASP A 112 29.96 -1.21 -5.67
N LEU A 113 29.18 -2.27 -5.89
CA LEU A 113 28.01 -2.27 -6.78
C LEU A 113 26.73 -2.79 -6.11
N GLU A 114 25.65 -2.00 -6.13
CA GLU A 114 24.38 -2.44 -5.58
C GLU A 114 23.44 -2.58 -6.75
N ILE A 115 22.58 -3.59 -6.69
CA ILE A 115 21.63 -3.93 -7.72
C ILE A 115 20.29 -4.18 -7.09
N PHE A 116 19.22 -3.62 -7.66
CA PHE A 116 17.86 -3.81 -7.19
C PHE A 116 16.96 -3.94 -8.42
N VAL A 117 16.30 -5.09 -8.56
CA VAL A 117 15.47 -5.37 -9.74
C VAL A 117 14.08 -4.72 -9.68
N ILE A 118 13.79 -3.87 -10.68
CA ILE A 118 12.53 -3.16 -10.78
C ILE A 118 11.51 -3.96 -11.57
N LYS A 119 11.91 -4.46 -12.74
CA LYS A 119 11.04 -5.25 -13.61
C LYS A 119 11.86 -6.40 -14.17
N GLY A 120 11.19 -7.50 -14.52
CA GLY A 120 11.84 -8.67 -15.09
C GLY A 120 12.65 -9.47 -14.10
N ALA A 121 13.64 -10.21 -14.60
CA ALA A 121 14.50 -11.05 -13.79
C ALA A 121 15.88 -11.19 -14.41
N ILE A 122 16.88 -11.29 -13.55
CA ILE A 122 18.27 -11.41 -13.94
C ILE A 122 18.83 -12.60 -13.15
N GLN A 123 20.00 -13.09 -13.53
CA GLN A 123 20.66 -14.20 -12.80
C GLN A 123 22.14 -13.87 -12.66
N LEU A 124 22.63 -13.76 -11.42
CA LEU A 124 24.04 -13.49 -11.11
C LEU A 124 24.72 -14.75 -10.62
N GLY A 125 25.50 -15.37 -11.51
CA GLY A 125 26.17 -16.63 -11.20
C GLY A 125 25.08 -17.67 -11.11
N GLU A 126 25.03 -18.39 -10.00
CA GLU A 126 24.01 -19.44 -9.77
C GLU A 126 22.67 -18.93 -9.22
N TRP A 127 22.63 -17.70 -8.73
CA TRP A 127 21.42 -17.15 -8.11
C TRP A 127 20.52 -16.23 -8.95
N GLN A 128 19.21 -16.50 -8.94
CA GLN A 128 18.24 -15.67 -9.64
C GLN A 128 17.92 -14.46 -8.80
N LEU A 129 17.62 -13.35 -9.47
CA LEU A 129 17.24 -12.11 -8.82
C LEU A 129 16.02 -11.66 -9.59
N ASN A 130 14.84 -12.09 -9.14
CA ASN A 130 13.56 -11.74 -9.79
C ASN A 130 13.08 -10.37 -9.28
N LYS A 131 11.81 -10.02 -9.52
CA LYS A 131 11.23 -8.74 -9.09
C LYS A 131 11.54 -8.38 -7.63
N HIS A 132 12.14 -7.21 -7.43
CA HIS A 132 12.51 -6.67 -6.11
C HIS A 132 13.61 -7.47 -5.36
N SER A 133 14.42 -8.22 -6.11
CA SER A 133 15.53 -8.96 -5.52
C SER A 133 16.69 -7.95 -5.47
N TYR A 134 17.56 -8.12 -4.49
CA TYR A 134 18.68 -7.22 -4.24
C TYR A 134 19.99 -7.93 -4.08
N SER A 135 21.06 -7.26 -4.46
CA SER A 135 22.41 -7.77 -4.31
C SER A 135 23.39 -6.63 -4.06
N PHE A 136 24.36 -6.88 -3.17
CA PHE A 136 25.45 -5.95 -2.86
C PHE A 136 26.71 -6.73 -3.19
N ILE A 137 27.46 -6.22 -4.16
CA ILE A 137 28.69 -6.84 -4.62
C ILE A 137 29.86 -5.92 -4.25
N PRO A 138 30.58 -6.24 -3.15
CA PRO A 138 31.72 -5.41 -2.77
C PRO A 138 32.79 -5.43 -3.83
N ALA A 139 33.56 -4.35 -3.91
CA ALA A 139 34.63 -4.24 -4.89
C ALA A 139 35.59 -5.37 -4.67
N GLY A 140 35.94 -6.08 -5.74
CA GLY A 140 36.88 -7.20 -5.68
C GLY A 140 36.27 -8.57 -5.54
N VAL A 141 34.97 -8.66 -5.23
CA VAL A 141 34.30 -9.94 -5.09
C VAL A 141 33.92 -10.44 -6.47
N ARG A 142 34.27 -11.69 -6.77
CA ARG A 142 33.97 -12.31 -8.05
C ARG A 142 32.54 -12.80 -8.16
N ILE A 143 31.96 -12.52 -9.33
CA ILE A 143 30.61 -12.90 -9.70
C ILE A 143 30.79 -13.82 -10.87
N GLY A 144 29.94 -14.84 -10.99
CA GLY A 144 30.01 -15.77 -12.11
C GLY A 144 29.34 -15.14 -13.34
N SER A 145 29.15 -15.93 -14.40
CA SER A 145 28.50 -15.45 -15.62
C SER A 145 27.09 -14.99 -15.24
N TRP A 146 26.65 -13.88 -15.80
CA TRP A 146 25.32 -13.35 -15.48
C TRP A 146 24.52 -13.02 -16.75
N LYS A 147 23.20 -13.16 -16.67
CA LYS A 147 22.29 -12.98 -17.80
C LYS A 147 20.87 -12.59 -17.43
N VAL A 148 20.11 -12.14 -18.44
CA VAL A 148 18.72 -11.77 -18.26
C VAL A 148 17.89 -13.04 -18.47
N LEU A 149 16.89 -13.25 -17.62
CA LEU A 149 16.01 -14.41 -17.65
C LEU A 149 14.63 -14.11 -18.20
N GLY A 150 13.94 -15.18 -18.60
CA GLY A 150 12.59 -15.10 -19.11
C GLY A 150 12.32 -14.56 -20.49
N GLY A 151 13.36 -14.27 -21.28
CA GLY A 151 13.17 -13.73 -22.64
C GLY A 151 12.53 -12.35 -22.75
N GLU A 152 12.55 -11.58 -21.67
CA GLU A 152 12.00 -10.24 -21.61
C GLU A 152 13.08 -9.39 -20.97
N GLU A 153 13.09 -8.10 -21.28
CA GLU A 153 14.10 -7.19 -20.72
C GLU A 153 13.91 -7.05 -19.21
N ALA A 154 14.98 -6.63 -18.54
CA ALA A 154 14.97 -6.44 -17.11
C ALA A 154 15.39 -5.02 -16.83
N GLU A 155 14.76 -4.40 -15.82
CA GLU A 155 15.07 -3.02 -15.40
C GLU A 155 15.64 -3.09 -14.00
N ILE A 156 16.76 -2.38 -13.79
CA ILE A 156 17.49 -2.41 -12.55
C ILE A 156 18.04 -1.08 -12.06
N LEU A 157 18.03 -0.86 -10.74
CA LEU A 157 18.63 0.32 -10.15
C LEU A 157 20.10 -0.07 -10.02
N TRP A 158 20.94 0.49 -10.89
CA TRP A 158 22.37 0.20 -10.92
C TRP A 158 23.09 1.27 -10.11
N GLU A 160 26.65 2.40 -8.58
CA GLU A 160 28.11 2.35 -8.53
C GLU A 160 28.55 3.25 -7.37
N ASN A 161 29.17 2.70 -6.32
CA ASN A 161 29.53 3.49 -5.13
C ASN A 161 31.00 3.82 -4.84
N GLY A 162 31.92 2.99 -5.31
CA GLY A 162 33.37 3.18 -5.09
C GLY A 162 33.94 4.56 -5.35
N SER A 163 35.13 4.79 -4.81
CA SER A 163 35.83 6.07 -4.96
CA SER A 163 35.79 6.10 -4.98
C SER A 163 36.27 6.33 -6.40
N VAL A 164 36.65 5.25 -7.11
CA VAL A 164 37.07 5.35 -8.51
C VAL A 164 35.84 4.95 -9.33
N PRO A 165 35.80 5.32 -10.62
CA PRO A 165 34.64 4.90 -11.44
C PRO A 165 34.66 3.38 -11.64
N LEU A 166 33.49 2.76 -11.65
CA LEU A 166 33.39 1.29 -11.77
C LEU A 166 33.86 0.79 -13.14
N GLU A 167 34.59 -0.32 -13.11
CA GLU A 167 35.14 -0.95 -14.30
C GLU A 167 35.20 -2.47 -14.14
N TYR A 168 34.87 -3.22 -15.19
CA TYR A 168 34.91 -4.68 -15.18
C TYR A 168 36.36 -5.14 -15.47
N LYS A 169 36.74 -6.25 -14.83
CA LYS A 169 38.03 -6.89 -15.02
C LYS A 169 37.80 -8.39 -14.85
N TYR A 170 38.34 -9.17 -15.78
CA TYR A 170 38.21 -10.63 -15.73
C TYR A 170 39.12 -11.17 -14.64
N ALA A 171 38.59 -12.07 -13.83
CA ALA A 171 39.33 -12.69 -12.74
C ALA A 171 38.74 -14.08 -12.47
N GLN A 172 39.61 -15.01 -12.12
CA GLN A 172 39.26 -16.40 -11.83
C GLN A 172 38.81 -16.55 -10.38
N GLU A 173 39.43 -15.78 -9.47
CA GLU A 173 39.15 -15.83 -8.06
C GLU A 173 38.95 -14.38 -7.57
N ASP A 174 38.55 -14.22 -6.31
CA ASP A 174 38.34 -12.90 -5.70
C ASP A 174 39.63 -12.15 -5.51
N HIS A 175 39.55 -10.83 -5.44
CA HIS A 175 40.72 -10.00 -5.21
C HIS A 175 41.11 -10.30 -3.75
N PRO A 176 42.41 -10.51 -3.45
CA PRO A 176 42.84 -10.82 -2.09
C PRO A 176 42.26 -9.91 -0.97
N ASP A 177 42.23 -8.61 -1.20
CA ASP A 177 41.76 -7.61 -0.25
C ASP A 177 40.25 -7.29 -0.30
N ALA A 178 39.46 -8.10 -1.01
CA ALA A 178 38.03 -7.86 -1.15
C ALA A 178 37.25 -8.02 0.15
N ARG A 179 36.39 -7.05 0.50
CA ARG A 179 35.58 -7.10 1.72
C ARG A 179 34.45 -8.10 1.48
N LEU A 180 34.82 -9.37 1.52
CA LEU A 180 33.95 -10.50 1.23
C LEU A 180 32.81 -10.68 2.27
N SER A 181 32.99 -10.14 3.48
CA SER A 181 32.00 -10.17 4.55
C SER A 181 30.74 -9.45 4.13
N ASP A 182 30.91 -8.30 3.48
CA ASP A 182 29.82 -7.46 3.02
C ASP A 182 29.05 -8.00 1.80
N PHE A 183 29.46 -9.15 1.23
CA PHE A 183 28.81 -9.73 0.05
C PHE A 183 27.41 -10.33 0.31
N ILE A 184 26.40 -9.71 -0.30
CA ILE A 184 25.00 -10.13 -0.22
C ILE A 184 24.74 -10.62 -1.65
N PRO A 185 24.96 -11.92 -1.92
CA PRO A 185 24.76 -12.42 -3.31
C PRO A 185 23.34 -12.26 -3.88
N ALA A 186 22.32 -12.55 -3.07
CA ALA A 186 20.94 -12.45 -3.54
C ALA A 186 19.97 -12.41 -2.38
N LEU A 187 19.19 -11.34 -2.29
CA LEU A 187 18.21 -11.15 -1.23
C LEU A 187 16.86 -10.82 -1.87
N ASP A 188 15.93 -11.77 -1.82
CA ASP A 188 14.59 -11.62 -2.35
C ASP A 188 13.77 -10.91 -1.26
N SER A 189 13.66 -9.58 -1.38
CA SER A 189 12.95 -8.75 -0.41
C SER A 189 11.50 -9.17 -0.22
N LYS A 190 10.89 -9.77 -1.25
CA LYS A 190 9.51 -10.24 -1.17
C LYS A 190 9.32 -11.31 -0.07
N LEU A 191 10.34 -12.17 0.11
CA LEU A 191 10.31 -13.23 1.12
C LEU A 191 10.64 -12.74 2.54
N LEU A 192 11.22 -11.56 2.64
CA LEU A 192 11.61 -10.96 3.89
C LEU A 192 10.34 -10.43 4.54
N PRO A 193 10.23 -10.44 5.89
CA PRO A 193 9.01 -9.92 6.55
C PRO A 193 9.11 -8.45 6.93
N TRP A 194 7.96 -7.75 7.04
CA TRP A 194 7.95 -6.34 7.45
C TRP A 194 8.22 -6.20 8.94
N GLY A 195 8.98 -5.18 9.29
CA GLY A 195 9.33 -4.88 10.67
C GLY A 195 9.07 -3.42 10.97
N LYS A 196 9.25 -3.06 12.25
CA LYS A 196 9.04 -1.69 12.73
C LYS A 196 9.99 -0.69 12.05
N ALA A 197 9.50 0.52 11.84
CA ALA A 197 10.28 1.59 11.23
C ALA A 197 11.19 2.19 12.31
N ASP A 198 12.27 2.85 11.89
CA ASP A 198 13.25 3.46 12.83
C ASP A 198 12.89 4.86 13.35
N THR A 199 12.67 5.81 12.44
CA THR A 199 12.33 7.21 12.82
C THR A 199 10.98 7.38 13.53
N VAL A 200 10.90 8.43 14.34
CA VAL A 200 9.70 8.79 15.12
C VAL A 200 8.53 9.31 14.25
N GLN A 201 8.86 9.95 13.14
CA GLN A 201 7.85 10.51 12.23
C GLN A 201 7.14 9.43 11.36
N PHE A 202 7.88 8.38 10.98
CA PHE A 202 7.33 7.27 10.17
C PHE A 202 6.90 6.05 11.01
N VAL A 203 6.16 6.29 12.11
CA VAL A 203 5.64 5.22 12.99
C VAL A 203 4.57 4.38 12.26
N GLN A 204 3.73 5.03 11.44
CA GLN A 204 2.66 4.38 10.66
C GLN A 204 3.22 3.98 9.30
N ALA A 205 4.20 3.10 9.35
CA ALA A 205 4.88 2.59 8.19
C ALA A 205 5.70 1.43 8.67
N ASN A 206 6.19 0.64 7.73
CA ASN A 206 7.02 -0.50 8.03
C ASN A 206 8.26 -0.43 7.15
N LYS A 207 9.29 -1.15 7.60
CA LYS A 207 10.58 -1.14 6.95
C LYS A 207 11.14 -2.55 6.71
N LYS A 208 11.90 -2.70 5.62
CA LYS A 208 12.58 -3.96 5.29
C LYS A 208 14.04 -3.67 5.03
N TRP A 209 14.89 -3.92 6.01
CA TRP A 209 16.32 -3.69 5.82
C TRP A 209 16.95 -4.67 4.84
N LEU A 210 17.65 -4.12 3.85
CA LEU A 210 18.36 -4.91 2.86
C LEU A 210 19.86 -4.94 3.16
N ARG A 211 20.41 -3.84 3.69
CA ARG A 211 21.83 -3.77 4.04
C ARG A 211 22.06 -2.62 5.04
N LYS A 212 23.00 -2.83 5.96
CA LYS A 212 23.33 -1.84 6.98
C LYS A 212 24.86 -1.61 7.03
N ASP A 213 25.30 -0.34 6.95
CA ASP A 213 26.73 0.05 6.99
C ASP A 213 27.31 -0.24 8.33
N ILE A 214 28.64 -0.15 8.41
CA ILE A 214 29.34 -0.30 9.67
C ILE A 214 29.02 0.98 10.51
N ASN A 215 28.70 2.10 9.83
CA ASN A 215 28.28 3.37 10.45
C ASN A 215 26.77 3.49 10.75
N GLY A 216 25.97 2.47 10.43
CA GLY A 216 24.52 2.51 10.68
C GLY A 216 23.65 3.00 9.54
N GLY A 217 24.26 3.53 8.46
CA GLY A 217 23.51 3.96 7.28
C GLY A 217 23.09 2.69 6.53
N GLY A 218 22.27 2.80 5.50
CA GLY A 218 21.86 1.60 4.80
C GLY A 218 20.87 1.71 3.68
N VAL A 219 20.35 0.55 3.28
CA VAL A 219 19.40 0.40 2.23
C VAL A 219 18.20 -0.35 2.80
N TRP A 220 17.01 0.08 2.41
CA TRP A 220 15.78 -0.59 2.86
C TRP A 220 14.59 -0.22 2.01
N LEU A 221 13.54 -1.03 2.15
CA LEU A 221 12.26 -0.81 1.50
C LEU A 221 11.37 -0.23 2.57
N LEU A 222 10.63 0.82 2.22
CA LEU A 222 9.69 1.50 3.12
C LEU A 222 8.28 1.30 2.60
N ALA A 223 7.40 0.77 3.46
CA ALA A 223 6.01 0.56 3.11
C ALA A 223 5.25 1.59 3.90
N ILE A 224 4.62 2.54 3.21
CA ILE A 224 3.82 3.57 3.86
C ILE A 224 2.39 3.11 3.77
N LEU A 225 1.72 3.04 4.92
CA LEU A 225 0.34 2.61 4.96
C LEU A 225 -0.56 3.71 4.44
N PRO A 226 -1.81 3.37 4.05
CA PRO A 226 -2.75 4.41 3.61
C PRO A 226 -3.05 5.46 4.70
N HIS A 227 -3.77 6.52 4.35
CA HIS A 227 -4.11 7.61 5.28
C HIS A 227 -2.91 8.15 6.09
N PHE A 228 -1.75 8.27 5.44
CA PHE A 228 -0.53 8.73 6.08
C PHE A 228 -0.42 10.24 6.00
N ASP A 229 0.10 10.84 7.08
CA ASP A 229 0.31 12.27 7.17
C ASP A 229 1.38 12.53 8.26
N ASN A 230 2.62 12.83 7.86
CA ASN A 230 3.71 13.10 8.84
C ASN A 230 3.55 14.42 9.61
N LYS A 231 2.61 15.28 9.18
CA LYS A 231 2.23 16.53 9.85
C LYS A 231 3.15 17.73 9.72
N TYR A 232 4.47 17.53 9.78
CA TYR A 232 5.42 18.64 9.73
C TYR A 232 6.48 18.45 8.65
N GLN A 233 7.33 19.46 8.50
CA GLN A 233 8.44 19.39 7.56
C GLN A 233 9.54 18.64 8.30
N ILE A 235 13.88 18.44 8.71
CA ILE A 235 15.24 18.86 8.45
C ILE A 235 16.02 17.54 8.52
N GLN A 236 16.63 17.17 7.41
CA GLN A 236 17.37 15.92 7.27
C GLN A 236 18.88 16.11 7.20
N PRO A 237 19.60 16.13 8.35
CA PRO A 237 21.07 16.28 8.35
C PRO A 237 21.82 15.02 7.87
N TYR A 238 21.54 14.58 6.65
CA TYR A 238 22.13 13.38 6.08
C TYR A 238 21.74 13.28 4.61
N ASN A 239 22.44 12.45 3.84
CA ASN A 239 22.11 12.25 2.43
C ASN A 239 21.15 11.10 2.31
N GLU A 240 20.15 11.25 1.42
CA GLU A 240 19.13 10.24 1.16
C GLU A 240 18.70 10.29 -0.30
N GLU A 241 18.41 9.12 -0.86
CA GLU A 241 17.90 9.02 -2.21
C GLU A 241 16.89 7.90 -2.18
N GLY A 242 16.01 7.86 -3.16
CA GLY A 242 15.03 6.79 -3.21
C GLY A 242 14.27 6.72 -4.51
N TYR A 243 13.59 5.60 -4.72
CA TYR A 243 12.81 5.34 -5.92
C TYR A 243 11.46 4.78 -5.52
N CYS A 244 10.40 5.30 -6.13
CA CYS A 244 9.03 4.85 -5.84
C CYS A 244 8.67 3.65 -6.71
N LEU A 245 8.35 2.54 -6.06
CA LEU A 245 8.03 1.28 -6.74
C LEU A 245 6.54 1.08 -6.97
N THR A 246 5.70 1.59 -6.06
CA THR A 246 4.26 1.49 -6.22
C THR A 246 3.56 2.53 -5.34
N GLY A 247 2.32 2.86 -5.69
CA GLY A 247 1.52 3.84 -4.94
C GLY A 247 2.02 5.25 -5.15
N TYR A 248 1.77 6.11 -4.16
CA TYR A 248 2.22 7.51 -4.24
C TYR A 248 2.44 8.15 -2.90
N CYS A 249 3.04 9.32 -2.95
CA CYS A 249 3.26 10.14 -1.76
C CYS A 249 3.44 11.59 -2.15
N ASP A 250 2.51 12.44 -1.71
CA ASP A 250 2.57 13.85 -1.97
C ASP A 250 3.56 14.39 -0.97
N VAL A 251 4.54 15.15 -1.44
CA VAL A 251 5.54 15.78 -0.59
C VAL A 251 5.50 17.24 -1.05
N GLY A 252 4.76 18.06 -0.30
CA GLY A 252 4.57 19.45 -0.62
C GLY A 252 3.53 19.42 -1.71
N ASP A 253 3.76 20.17 -2.79
CA ASP A 253 2.83 20.20 -3.92
C ASP A 253 3.29 19.25 -5.09
N TYR A 254 4.30 18.41 -4.84
CA TYR A 254 4.80 17.45 -5.82
C TYR A 254 4.25 16.10 -5.42
N ARG A 255 3.79 15.31 -6.40
CA ARG A 255 3.28 13.97 -6.15
C ARG A 255 4.23 12.92 -6.73
N ILE A 256 4.86 12.16 -5.83
CA ILE A 256 5.78 11.10 -6.21
C ILE A 256 4.95 9.86 -6.48
N VAL A 257 5.01 9.32 -7.71
CA VAL A 257 4.29 8.10 -8.10
C VAL A 257 5.31 7.09 -8.65
N LYS A 258 4.85 5.91 -9.06
CA LYS A 258 5.71 4.84 -9.61
C LYS A 258 6.75 5.38 -10.61
N ASP A 259 7.98 4.94 -10.44
CA ASP A 259 9.14 5.32 -11.28
C ASP A 259 9.70 6.75 -11.02
N HIS A 260 9.22 7.45 -9.99
CA HIS A 260 9.77 8.77 -9.64
C HIS A 260 10.92 8.52 -8.66
N TYR A 261 11.93 9.38 -8.73
CA TYR A 261 13.11 9.28 -7.90
C TYR A 261 13.41 10.59 -7.18
N TRP A 262 14.11 10.49 -6.06
CA TRP A 262 14.49 11.68 -5.32
C TRP A 262 15.93 11.63 -4.82
N TYR A 263 16.44 12.82 -4.49
CA TYR A 263 17.77 13.04 -3.97
C TYR A 263 17.70 14.22 -3.02
N CYS A 264 18.05 13.98 -1.77
CA CYS A 264 18.03 14.99 -0.73
C CYS A 264 19.40 15.02 -0.08
N PRO A 265 20.25 16.01 -0.44
CA PRO A 265 21.55 16.04 0.19
C PRO A 265 21.45 16.49 1.66
N SER A 266 22.56 16.45 2.37
CA SER A 266 22.58 16.82 3.78
C SER A 266 22.01 18.20 4.07
N PHE A 267 21.16 18.25 5.10
CA PHE A 267 20.47 19.46 5.62
C PHE A 267 19.37 20.01 4.70
N SER A 268 18.70 19.14 3.95
CA SER A 268 17.58 19.52 3.12
C SER A 268 16.38 19.62 4.04
N THR A 269 15.41 20.44 3.67
CA THR A 269 14.21 20.63 4.46
C THR A 269 13.03 20.06 3.68
N LEU A 270 12.69 18.80 3.97
CA LEU A 270 11.62 18.12 3.24
C LEU A 270 10.22 18.56 3.65
N PRO A 271 9.35 18.91 2.67
CA PRO A 271 7.98 19.30 3.02
C PRO A 271 7.16 18.17 3.64
N ARG A 272 5.94 18.51 4.01
CA ARG A 272 5.01 17.57 4.62
C ARG A 272 4.69 16.45 3.64
N HIS A 273 4.61 15.22 4.14
CA HIS A 273 4.31 14.03 3.35
C HIS A 273 2.89 13.58 3.62
N ILE A 274 2.10 13.42 2.55
CA ILE A 274 0.71 12.96 2.68
C ILE A 274 0.39 11.96 1.56
N THR A 275 -0.32 10.90 1.91
CA THR A 275 -0.76 9.88 0.94
C THR A 275 -1.95 9.09 1.49
N ASP A 276 -3.06 9.15 0.75
CA ASP A 276 -4.28 8.45 1.12
C ASP A 276 -4.23 6.98 0.70
N ASP A 277 -3.39 6.65 -0.28
CA ASP A 277 -3.26 5.27 -0.81
C ASP A 277 -2.09 4.49 -0.23
N GLY A 278 -1.00 5.17 0.14
CA GLY A 278 0.18 4.51 0.67
C GLY A 278 1.10 4.16 -0.49
N GLY A 279 2.15 3.39 -0.22
CA GLY A 279 3.08 2.97 -1.28
C GLY A 279 4.31 2.22 -0.81
N LEU A 280 5.10 1.75 -1.78
CA LEU A 280 6.34 1.01 -1.54
C LEU A 280 7.46 1.85 -2.14
N PHE A 281 8.54 2.01 -1.38
CA PHE A 281 9.66 2.84 -1.78
C PHE A 281 11.04 2.25 -1.49
N PHE A 282 11.95 2.28 -2.46
CA PHE A 282 13.33 1.84 -2.27
C PHE A 282 14.03 3.06 -1.74
N VAL A 283 14.67 2.95 -0.57
CA VAL A 283 15.35 4.08 0.05
C VAL A 283 16.78 3.72 0.41
N ARG A 284 17.66 4.71 0.35
CA ARG A 284 19.05 4.52 0.69
C ARG A 284 19.54 5.78 1.44
N VAL A 285 20.05 5.62 2.67
CA VAL A 285 20.50 6.71 3.56
C VAL A 285 21.90 6.44 4.12
N ASP A 286 22.77 7.45 4.13
CA ASP A 286 24.18 7.28 4.59
C ASP A 286 24.45 7.69 6.05
N ARG A 287 23.45 7.59 6.92
CA ARG A 287 23.61 7.95 8.34
C ARG A 287 22.65 7.16 9.20
N ASP A 288 23.07 6.88 10.44
CA ASP A 288 22.27 6.17 11.41
C ASP A 288 21.23 7.12 11.96
N LEU A 289 19.95 6.87 11.67
CA LEU A 289 18.86 7.74 12.15
C LEU A 289 18.26 7.32 13.50
N SER A 290 18.92 6.43 14.24
CA SER A 290 18.41 6.01 15.55
C SER A 290 18.79 7.01 16.64
N LYS A 291 19.90 7.73 16.42
CA LYS A 291 20.40 8.73 17.35
C LYS A 291 19.49 9.94 17.52
N VAL A 292 19.66 10.62 18.65
CA VAL A 292 18.91 11.81 19.01
C VAL A 292 19.26 12.97 18.07
N ALA A 293 18.23 13.72 17.66
CA ALA A 293 18.36 14.90 16.78
C ALA A 293 18.89 14.61 15.37
N THR A 294 18.53 13.44 14.81
CA THR A 294 18.94 13.06 13.45
C THR A 294 17.84 13.34 12.41
N VAL A 295 16.57 13.38 12.82
CA VAL A 295 15.45 13.71 11.93
C VAL A 295 14.68 14.70 12.77
N LEU A 296 14.72 15.96 12.35
CA LEU A 296 14.11 17.06 13.10
C LEU A 296 12.81 17.57 12.50
N SER A 297 11.70 17.36 13.20
CA SER A 297 10.41 17.86 12.71
C SER A 297 10.41 19.37 12.81
N TYR A 298 9.94 20.03 11.75
CA TYR A 298 9.91 21.49 11.61
C TYR A 298 8.54 21.98 11.13
N ALA A 299 8.02 23.04 11.76
CA ALA A 299 6.71 23.60 11.41
C ALA A 299 6.66 25.11 11.71
N PRO A 300 7.25 25.93 10.83
CA PRO A 300 7.28 27.38 11.06
C PRO A 300 5.92 28.09 10.90
N GLN A 301 5.73 29.16 11.67
CA GLN A 301 4.51 29.99 11.67
C GLN A 301 4.71 31.27 10.85
N HIS B 19 -37.99 -2.36 17.08
CA HIS B 19 -37.03 -3.50 17.10
C HIS B 19 -37.75 -4.83 17.32
N ILE B 20 -37.93 -5.59 16.22
CA ILE B 20 -38.57 -6.93 16.23
C ILE B 20 -38.06 -7.73 15.00
N ALA B 21 -38.06 -9.05 15.12
CA ALA B 21 -37.70 -10.00 14.03
C ALA B 21 -36.22 -10.17 13.60
N SER B 22 -35.25 -10.01 14.51
CA SER B 22 -33.82 -10.20 14.15
C SER B 22 -33.47 -11.69 13.88
N VAL B 23 -33.17 -11.99 12.60
CA VAL B 23 -32.85 -13.36 12.15
C VAL B 23 -31.46 -13.89 12.63
N LYS B 24 -31.44 -15.19 12.98
CA LYS B 24 -30.21 -15.86 13.43
C LYS B 24 -29.19 -15.91 12.27
N GLU B 25 -27.92 -16.07 12.61
CA GLU B 25 -26.83 -16.05 11.61
C GLU B 25 -26.44 -17.45 11.07
N ASP B 26 -26.26 -17.55 9.74
CA ASP B 26 -25.87 -18.78 8.98
C ASP B 26 -25.04 -19.82 9.71
N TRP B 27 -23.91 -19.33 10.23
CA TRP B 27 -22.91 -20.14 10.94
C TRP B 27 -23.28 -20.59 12.35
N GLY B 28 -24.39 -20.11 12.91
CA GLY B 28 -24.84 -20.47 14.26
C GLY B 28 -24.85 -19.36 15.29
N GLY B 29 -24.87 -18.09 14.84
CA GLY B 29 -24.92 -16.95 15.76
C GLY B 29 -26.33 -16.74 16.27
N ASP B 30 -26.47 -15.88 17.28
CA ASP B 30 -27.80 -15.59 17.89
C ASP B 30 -28.57 -14.37 17.31
N GLY B 31 -28.08 -13.78 16.22
CA GLY B 31 -28.74 -12.63 15.58
C GLY B 31 -28.66 -11.26 16.25
N ARG B 32 -27.98 -11.15 17.39
CA ARG B 32 -27.86 -9.86 18.11
C ARG B 32 -27.08 -8.85 17.30
N GLY B 33 -26.16 -9.33 16.45
CA GLY B 33 -25.35 -8.49 15.57
C GLY B 33 -26.18 -7.62 14.63
N ARG B 34 -27.37 -8.11 14.26
CA ARG B 34 -28.33 -7.40 13.38
C ARG B 34 -27.81 -6.97 12.01
N ASN B 36 -27.43 -9.21 9.29
CA ASN B 36 -28.18 -10.01 8.30
C ASN B 36 -27.37 -10.34 7.03
N LEU B 37 -26.06 -10.59 7.17
CA LEU B 37 -25.20 -10.98 6.04
C LEU B 37 -25.45 -12.39 5.52
N SER B 38 -26.18 -13.20 6.28
CA SER B 38 -26.47 -14.57 5.89
C SER B 38 -27.43 -14.67 4.71
N GLY B 39 -27.27 -15.76 3.94
CA GLY B 39 -28.12 -16.10 2.80
C GLY B 39 -28.42 -15.09 1.72
N ARG B 40 -27.46 -14.26 1.35
CA ARG B 40 -27.71 -13.23 0.33
C ARG B 40 -27.41 -13.61 -1.12
N ARG B 41 -28.16 -12.98 -2.04
CA ARG B 41 -28.06 -13.16 -3.47
C ARG B 41 -27.15 -12.05 -3.98
N THR B 42 -26.19 -12.36 -4.85
CA THR B 42 -25.30 -11.32 -5.38
C THR B 42 -25.89 -10.73 -6.64
N ALA B 43 -25.27 -9.66 -7.10
CA ALA B 43 -25.66 -8.97 -8.32
C ALA B 43 -25.41 -9.85 -9.55
N ILE B 44 -24.42 -10.73 -9.48
CA ILE B 44 -24.04 -11.63 -10.57
C ILE B 44 -24.64 -13.06 -10.49
N ALA B 45 -25.45 -13.36 -9.47
CA ALA B 45 -26.05 -14.71 -9.30
C ALA B 45 -27.56 -14.67 -9.17
N LYS B 46 -28.24 -15.63 -9.82
CA LYS B 46 -29.69 -15.73 -9.80
C LYS B 46 -30.30 -16.10 -8.44
N GLU B 47 -29.53 -16.73 -7.55
CA GLU B 47 -29.97 -17.15 -6.21
C GLU B 47 -28.78 -17.20 -5.27
N TYR B 48 -29.08 -17.43 -4.00
CA TYR B 48 -28.07 -17.59 -2.96
C TYR B 48 -27.31 -18.88 -3.24
N LEU B 49 -25.98 -18.78 -3.32
CA LEU B 49 -25.10 -19.90 -3.57
C LEU B 49 -24.35 -20.20 -2.27
N PRO B 50 -24.79 -21.22 -1.52
CA PRO B 50 -24.13 -21.48 -0.23
C PRO B 50 -22.68 -21.90 -0.30
N ARG B 51 -21.90 -21.41 0.67
CA ARG B 51 -20.46 -21.68 0.80
C ARG B 51 -19.61 -21.39 -0.43
N GLN B 52 -20.05 -20.41 -1.24
CA GLN B 52 -19.37 -20.02 -2.47
C GLN B 52 -18.94 -18.57 -2.43
N TYR B 53 -17.64 -18.34 -2.55
CA TYR B 53 -17.10 -17.00 -2.58
C TYR B 53 -17.45 -16.41 -3.94
N GLN B 54 -17.78 -15.13 -3.99
CA GLN B 54 -18.11 -14.47 -5.25
C GLN B 54 -17.44 -13.10 -5.28
N PHE B 55 -16.73 -12.83 -6.39
CA PHE B 55 -16.02 -11.57 -6.61
C PHE B 55 -16.53 -10.92 -7.89
N PHE B 56 -16.66 -9.60 -7.89
CA PHE B 56 -17.08 -8.87 -9.09
C PHE B 56 -16.79 -7.36 -9.02
N ASP B 57 -16.68 -6.78 -10.22
CA ASP B 57 -16.41 -5.37 -10.43
C ASP B 57 -17.75 -4.65 -10.27
N THR B 58 -17.83 -3.71 -9.32
CA THR B 58 -19.06 -2.94 -9.11
C THR B 58 -19.33 -1.95 -10.28
N ASN B 59 -18.30 -1.55 -11.01
CA ASN B 59 -18.44 -0.68 -12.18
C ASN B 59 -19.38 -1.29 -13.23
N THR B 60 -19.31 -2.61 -13.41
CA THR B 60 -20.14 -3.35 -14.35
C THR B 60 -21.54 -3.74 -13.85
N VAL B 61 -21.82 -3.54 -12.56
CA VAL B 61 -23.14 -3.83 -12.01
C VAL B 61 -24.03 -2.71 -12.51
N GLU B 63 -26.43 0.30 -12.86
CA GLU B 63 -26.71 1.47 -12.06
C GLU B 63 -28.13 1.98 -12.34
N LYS B 64 -29.09 1.59 -11.50
CA LYS B 64 -30.49 2.02 -11.66
C LYS B 64 -30.61 3.47 -11.20
N GLN B 65 -30.97 4.36 -12.13
CA GLN B 65 -31.15 5.78 -11.84
C GLN B 65 -32.48 6.00 -11.14
N GLY B 66 -32.71 7.20 -10.65
CA GLY B 66 -33.96 7.52 -9.98
C GLY B 66 -34.23 6.80 -8.66
N TRP B 67 -33.17 6.37 -7.98
CA TRP B 67 -33.32 5.67 -6.70
C TRP B 67 -33.71 6.68 -5.61
N ARG B 68 -34.59 6.26 -4.71
CA ARG B 68 -35.08 7.10 -3.64
C ARG B 68 -35.48 6.22 -2.47
N VAL B 69 -35.20 6.64 -1.24
CA VAL B 69 -35.55 5.85 -0.04
C VAL B 69 -37.06 5.86 0.15
N ARG B 70 -37.66 4.68 0.33
CA ARG B 70 -39.11 4.55 0.51
C ARG B 70 -39.53 5.38 1.72
N GLY B 71 -40.54 6.22 1.54
CA GLY B 71 -41.02 7.11 2.61
C GLY B 71 -40.56 8.55 2.46
N PRO B 73 -39.90 12.32 0.90
CA PRO B 73 -40.79 13.14 0.08
C PRO B 73 -40.41 13.01 -1.39
N ASP B 74 -41.41 12.94 -2.25
CA ASP B 74 -41.21 12.79 -3.70
C ASP B 74 -40.34 13.88 -4.35
N ASN B 75 -40.42 15.11 -3.86
CA ASN B 75 -39.65 16.21 -4.46
C ASN B 75 -38.12 16.12 -4.28
N ILE B 76 -37.64 15.31 -3.33
CA ILE B 76 -36.20 15.14 -3.05
C ILE B 76 -35.47 14.68 -4.30
N ALA B 77 -34.25 15.16 -4.51
CA ALA B 77 -33.46 14.76 -5.67
C ALA B 77 -33.15 13.27 -5.59
N PRO B 78 -33.25 12.55 -6.72
CA PRO B 78 -32.96 11.12 -6.65
C PRO B 78 -31.47 10.83 -6.81
N GLY B 79 -31.09 9.63 -6.40
CA GLY B 79 -29.71 9.16 -6.53
C GLY B 79 -29.76 7.97 -7.46
N SER B 80 -28.62 7.29 -7.61
CA SER B 80 -28.55 6.09 -8.43
C SER B 80 -28.15 5.00 -7.47
N ARG B 81 -28.35 3.75 -7.87
CA ARG B 81 -27.97 2.62 -7.02
C ARG B 81 -27.53 1.39 -7.82
N ARG B 82 -26.46 0.78 -7.34
CA ARG B 82 -25.89 -0.45 -7.86
C ARG B 82 -26.04 -1.40 -6.68
N LEU B 83 -26.99 -2.32 -6.80
CA LEU B 83 -27.31 -3.27 -5.76
C LEU B 83 -26.33 -4.46 -5.80
N LEU B 84 -25.42 -4.49 -4.84
CA LEU B 84 -24.37 -5.53 -4.74
C LEU B 84 -24.85 -6.89 -4.23
N THR B 85 -25.44 -6.88 -3.04
CA THR B 85 -25.93 -8.10 -2.44
C THR B 85 -27.18 -7.74 -1.63
N TRP B 86 -28.11 -8.69 -1.50
CA TRP B 86 -29.34 -8.45 -0.75
C TRP B 86 -30.00 -9.75 -0.32
N HIS B 87 -30.94 -9.62 0.62
CA HIS B 87 -31.72 -10.70 1.19
C HIS B 87 -33.18 -10.27 1.05
N ASP B 88 -34.10 -11.21 0.87
CA ASP B 88 -35.53 -10.88 0.72
C ASP B 88 -36.17 -10.21 1.95
N SER B 89 -35.58 -10.42 3.13
CA SER B 89 -36.05 -9.77 4.37
C SER B 89 -35.91 -8.25 4.32
N GLY B 90 -34.97 -7.76 3.52
CA GLY B 90 -34.76 -6.33 3.36
C GLY B 90 -33.30 -5.95 3.34
N ALA B 91 -32.49 -6.61 4.16
CA ALA B 91 -31.07 -6.31 4.27
C ALA B 91 -30.34 -6.23 2.91
N SER B 92 -29.42 -5.28 2.76
CA SER B 92 -28.68 -5.10 1.50
C SER B 92 -27.41 -4.24 1.61
N THR B 93 -26.55 -4.39 0.61
CA THR B 93 -25.31 -3.61 0.47
C THR B 93 -25.37 -3.03 -0.93
N SER B 94 -25.06 -1.75 -1.06
CA SER B 94 -25.11 -1.08 -2.34
C SER B 94 -24.14 0.06 -2.47
N ARG B 95 -23.88 0.43 -3.72
CA ARG B 95 -23.04 1.55 -4.07
C ARG B 95 -24.04 2.55 -4.63
N VAL B 96 -24.29 3.64 -3.89
CA VAL B 96 -25.21 4.69 -4.33
C VAL B 96 -24.42 5.92 -4.72
N VAL B 97 -25.02 6.76 -5.56
CA VAL B 97 -24.42 8.01 -6.02
C VAL B 97 -25.45 9.11 -5.84
N LEU B 98 -25.17 10.04 -4.92
CA LEU B 98 -26.05 11.17 -4.64
C LEU B 98 -25.57 12.38 -5.45
N PRO B 99 -26.50 13.10 -6.15
CA PRO B 99 -26.07 14.26 -6.98
C PRO B 99 -25.69 15.54 -6.19
N PRO B 100 -24.92 16.47 -6.81
CA PRO B 100 -24.40 17.72 -6.23
C PRO B 100 -25.33 18.51 -5.32
N LYS B 101 -26.58 18.68 -5.75
CA LYS B 101 -27.60 19.43 -5.00
C LYS B 101 -28.48 18.56 -4.09
N PHE B 102 -28.11 17.30 -3.80
CA PHE B 102 -28.94 16.42 -2.96
C PHE B 102 -29.09 17.06 -1.60
N GLU B 103 -30.33 17.00 -1.10
CA GLU B 103 -30.70 17.64 0.13
C GLU B 103 -31.92 16.92 0.67
N ALA B 104 -31.81 16.30 1.84
CA ALA B 104 -32.90 15.54 2.46
C ALA B 104 -33.27 16.07 3.84
N PRO B 105 -34.51 15.80 4.29
CA PRO B 105 -34.96 16.28 5.59
C PRO B 105 -34.53 15.38 6.72
N SER B 106 -34.68 15.88 7.93
CA SER B 106 -34.35 15.14 9.13
C SER B 106 -35.41 14.06 9.36
N GLY B 107 -35.10 13.09 10.21
CA GLY B 107 -36.02 12.00 10.54
C GLY B 107 -35.26 10.77 10.98
N ILE B 108 -35.96 9.63 10.94
CA ILE B 108 -35.39 8.35 11.33
C ILE B 108 -35.54 7.39 10.17
N PHE B 109 -34.94 6.21 10.35
CA PHE B 109 -35.02 5.12 9.39
C PHE B 109 -35.48 3.88 10.16
N THR B 110 -36.36 3.06 9.56
CA THR B 110 -36.90 1.87 10.23
C THR B 110 -35.93 0.67 10.32
N ALA B 111 -34.67 0.83 9.92
CA ALA B 111 -33.70 -0.25 9.98
C ALA B 111 -32.30 0.30 10.23
N ASP B 112 -31.41 -0.52 10.79
CA ASP B 112 -30.02 -0.11 11.07
C ASP B 112 -29.38 0.25 9.74
N LEU B 113 -28.67 1.38 9.69
CA LEU B 113 -28.03 1.87 8.46
C LEU B 113 -26.56 2.23 8.64
N GLU B 114 -25.70 1.69 7.78
CA GLU B 114 -24.26 1.97 7.82
C GLU B 114 -23.91 2.72 6.54
N ILE B 115 -23.08 3.73 6.67
CA ILE B 115 -22.66 4.57 5.58
C ILE B 115 -21.14 4.69 5.60
N PHE B 116 -20.53 4.55 4.42
CA PHE B 116 -19.09 4.69 4.25
C PHE B 116 -18.86 5.45 2.94
N VAL B 117 -18.24 6.62 3.03
CA VAL B 117 -17.98 7.48 1.87
C VAL B 117 -16.79 7.03 1.02
N ILE B 118 -17.07 6.73 -0.25
CA ILE B 118 -16.06 6.28 -1.20
C ILE B 118 -15.42 7.48 -1.89
N LYS B 119 -16.26 8.37 -2.42
CA LYS B 119 -15.85 9.57 -3.15
C LYS B 119 -16.71 10.76 -2.72
N GLY B 120 -16.14 11.95 -2.82
CA GLY B 120 -16.85 13.17 -2.48
C GLY B 120 -17.01 13.35 -0.98
N ALA B 121 -18.02 14.13 -0.61
CA ALA B 121 -18.32 14.42 0.80
C ALA B 121 -19.82 14.68 1.00
N ILE B 122 -20.29 14.27 2.18
CA ILE B 122 -21.69 14.37 2.53
C ILE B 122 -21.72 15.05 3.90
N GLN B 123 -22.90 15.47 4.35
CA GLN B 123 -23.03 16.06 5.69
C GLN B 123 -24.33 15.56 6.33
N LEU B 124 -24.22 14.83 7.43
CA LEU B 124 -25.38 14.31 8.18
C LEU B 124 -25.60 15.15 9.42
N GLY B 125 -26.63 15.99 9.39
CA GLY B 125 -26.94 16.89 10.49
C GLY B 125 -25.82 17.92 10.54
N GLU B 126 -25.20 18.06 11.70
CA GLU B 126 -24.09 19.02 11.89
C GLU B 126 -22.71 18.49 11.50
N TRP B 127 -22.58 17.17 11.29
CA TRP B 127 -21.29 16.54 10.99
C TRP B 127 -20.97 16.22 9.53
N GLN B 128 -19.77 16.59 9.09
CA GLN B 128 -19.34 16.29 7.74
C GLN B 128 -18.76 14.91 7.71
N LEU B 129 -18.93 14.23 6.59
CA LEU B 129 -18.40 12.90 6.36
C LEU B 129 -17.73 13.00 5.00
N ASN B 130 -16.44 13.31 5.00
CA ASN B 130 -15.65 13.43 3.75
C ASN B 130 -15.11 12.03 3.32
N LYS B 131 -14.09 11.95 2.48
CA LYS B 131 -13.52 10.67 1.98
C LYS B 131 -13.17 9.69 3.11
N HIS B 132 -13.74 8.48 3.01
CA HIS B 132 -13.58 7.37 3.98
C HIS B 132 -14.13 7.67 5.40
N SER B 133 -15.11 8.57 5.50
CA SER B 133 -15.75 8.85 6.78
C SER B 133 -16.84 7.79 6.89
N TYR B 134 -17.15 7.40 8.11
CA TYR B 134 -18.11 6.34 8.41
C TYR B 134 -19.14 6.76 9.42
N SER B 135 -20.33 6.18 9.32
CA SER B 135 -21.41 6.41 10.27
C SER B 135 -22.29 5.19 10.38
N PHE B 136 -22.72 4.91 11.62
CA PHE B 136 -23.64 3.80 11.91
C PHE B 136 -24.82 4.48 12.57
N ILE B 137 -25.99 4.37 11.94
CA ILE B 137 -27.22 4.95 12.39
C ILE B 137 -28.15 3.81 12.81
N PRO B 138 -28.30 3.57 14.14
CA PRO B 138 -29.22 2.52 14.56
C PRO B 138 -30.65 2.89 14.21
N ALA B 139 -31.48 1.87 14.03
CA ALA B 139 -32.88 2.07 13.68
C ALA B 139 -33.56 2.84 14.80
N GLY B 140 -34.24 3.93 14.47
CA GLY B 140 -34.92 4.75 15.45
C GLY B 140 -34.19 6.00 15.90
N VAL B 141 -32.90 6.11 15.58
CA VAL B 141 -32.09 7.27 15.94
C VAL B 141 -32.33 8.37 14.93
N ARG B 142 -32.67 9.58 15.42
CA ARG B 142 -32.91 10.74 14.56
C ARG B 142 -31.62 11.37 14.06
N ILE B 143 -31.66 11.72 12.78
CA ILE B 143 -30.61 12.36 12.03
C ILE B 143 -31.19 13.68 11.60
N GLY B 144 -30.36 14.73 11.57
CA GLY B 144 -30.81 16.06 11.13
C GLY B 144 -30.83 16.10 9.62
N SER B 145 -31.09 17.27 9.05
CA SER B 145 -31.10 17.41 7.60
C SER B 145 -29.74 17.03 7.05
N TRP B 146 -29.73 16.38 5.90
CA TRP B 146 -28.48 15.95 5.32
C TRP B 146 -28.40 16.31 3.83
N LYS B 147 -27.18 16.51 3.35
CA LYS B 147 -26.90 16.95 1.99
C LYS B 147 -25.51 16.63 1.47
N VAL B 148 -25.33 16.75 0.15
CA VAL B 148 -24.05 16.52 -0.49
C VAL B 148 -23.27 17.82 -0.44
N LEU B 149 -21.97 17.75 -0.17
CA LEU B 149 -21.10 18.92 -0.09
C LEU B 149 -20.19 19.07 -1.29
N GLY B 150 -19.65 20.29 -1.42
CA GLY B 150 -18.70 20.65 -2.47
C GLY B 150 -19.14 20.76 -3.91
N GLY B 151 -20.43 20.71 -4.17
CA GLY B 151 -20.95 20.81 -5.54
C GLY B 151 -20.56 19.71 -6.52
N GLU B 152 -20.15 18.54 -6.01
CA GLU B 152 -19.78 17.38 -6.81
C GLU B 152 -20.52 16.23 -6.18
N GLU B 153 -20.78 15.19 -6.97
CA GLU B 153 -21.51 14.02 -6.46
C GLU B 153 -20.71 13.26 -5.41
N ALA B 154 -21.42 12.47 -4.62
CA ALA B 154 -20.82 11.67 -3.56
C ALA B 154 -21.19 10.23 -3.77
N GLU B 155 -20.22 9.31 -3.61
CA GLU B 155 -20.46 7.87 -3.74
C GLU B 155 -20.32 7.27 -2.37
N ILE B 156 -21.27 6.41 -2.02
CA ILE B 156 -21.35 5.80 -0.71
C ILE B 156 -21.73 4.33 -0.66
N LEU B 157 -21.13 3.58 0.27
CA LEU B 157 -21.51 2.19 0.49
C LEU B 157 -22.71 2.32 1.40
N TRP B 158 -23.90 2.08 0.86
CA TRP B 158 -25.16 2.19 1.58
C TRP B 158 -25.53 0.80 2.06
N GLU B 160 -28.14 -1.29 4.37
CA GLU B 160 -29.40 -1.44 5.08
C GLU B 160 -29.33 -2.79 5.78
N ASN B 161 -29.42 -2.82 7.11
CA ASN B 161 -29.29 -4.08 7.90
C ASN B 161 -30.51 -4.68 8.63
N GLY B 162 -31.43 -3.83 9.09
CA GLY B 162 -32.60 -4.27 9.85
C GLY B 162 -33.44 -5.43 9.34
N SER B 163 -34.28 -5.95 10.26
CA SER B 163 -35.17 -7.09 10.00
C SER B 163 -36.17 -6.81 8.88
N VAL B 164 -36.66 -5.57 8.85
CA VAL B 164 -37.62 -5.10 7.85
C VAL B 164 -36.88 -4.24 6.81
N PRO B 165 -37.47 -4.07 5.61
CA PRO B 165 -36.85 -3.19 4.62
C PRO B 165 -36.79 -1.75 5.13
N LEU B 166 -35.68 -1.07 4.87
CA LEU B 166 -35.49 0.31 5.36
C LEU B 166 -36.42 1.34 4.72
N GLU B 167 -36.99 2.19 5.57
CA GLU B 167 -37.91 3.25 5.17
C GLU B 167 -37.67 4.49 5.99
N TYR B 168 -37.85 5.66 5.36
CA TYR B 168 -37.72 6.94 6.04
C TYR B 168 -39.06 7.29 6.68
N LYS B 169 -38.99 7.96 7.83
CA LYS B 169 -40.14 8.43 8.59
C LYS B 169 -39.76 9.76 9.20
N TYR B 170 -40.59 10.80 9.06
CA TYR B 170 -40.28 12.06 9.70
C TYR B 170 -40.59 11.93 11.19
N ALA B 171 -39.65 12.43 12.02
CA ALA B 171 -39.78 12.45 13.48
C ALA B 171 -38.96 13.60 14.07
N GLN B 172 -39.52 14.27 15.08
CA GLN B 172 -38.82 15.41 15.73
C GLN B 172 -37.77 14.95 16.74
N GLU B 173 -38.01 13.80 17.38
CA GLU B 173 -37.13 13.19 18.38
C GLU B 173 -36.87 11.74 18.01
N ASP B 174 -35.95 11.10 18.74
CA ASP B 174 -35.61 9.68 18.55
C ASP B 174 -36.76 8.79 18.94
N HIS B 175 -36.78 7.58 18.40
CA HIS B 175 -37.80 6.59 18.75
C HIS B 175 -37.48 6.23 20.20
N PRO B 176 -38.51 6.06 21.07
CA PRO B 176 -38.21 5.75 22.49
C PRO B 176 -37.30 4.53 22.73
N ASP B 177 -37.53 3.46 21.99
CA ASP B 177 -36.74 2.21 22.10
C ASP B 177 -35.51 2.13 21.18
N ALA B 178 -35.03 3.24 20.62
CA ALA B 178 -33.87 3.21 19.72
C ALA B 178 -32.56 2.91 20.48
N ARG B 179 -31.73 2.03 19.93
CA ARG B 179 -30.42 1.65 20.53
C ARG B 179 -29.43 2.80 20.29
N LEU B 180 -29.62 3.87 21.07
CA LEU B 180 -28.84 5.10 20.94
C LEU B 180 -27.36 4.93 21.31
N SER B 181 -27.05 3.92 22.14
CA SER B 181 -25.67 3.60 22.54
C SER B 181 -24.83 3.24 21.33
N ASP B 182 -25.40 2.48 20.39
CA ASP B 182 -24.70 2.08 19.17
C ASP B 182 -24.50 3.20 18.13
N PHE B 183 -25.02 4.41 18.37
CA PHE B 183 -24.89 5.51 17.39
C PHE B 183 -23.48 6.07 17.26
N ILE B 184 -22.95 5.95 16.04
CA ILE B 184 -21.65 6.44 15.62
C ILE B 184 -21.99 7.52 14.61
N PRO B 185 -22.18 8.78 15.06
CA PRO B 185 -22.55 9.86 14.12
C PRO B 185 -21.58 10.12 12.98
N ALA B 186 -20.29 10.17 13.27
CA ALA B 186 -19.28 10.45 12.26
C ALA B 186 -17.90 10.00 12.71
N LEU B 187 -17.30 9.09 11.95
CA LEU B 187 -15.99 8.56 12.26
C LEU B 187 -15.10 8.72 11.02
N ASP B 188 -14.16 9.66 11.08
CA ASP B 188 -13.24 9.92 9.97
C ASP B 188 -12.09 8.91 10.12
N SER B 189 -12.19 7.79 9.38
CA SER B 189 -11.15 6.72 9.44
C SER B 189 -9.73 7.19 9.14
N LYS B 190 -9.60 8.26 8.34
CA LYS B 190 -8.28 8.82 8.00
C LYS B 190 -7.53 9.30 9.26
N LEU B 191 -8.26 9.86 10.23
CA LEU B 191 -7.67 10.37 11.48
C LEU B 191 -7.34 9.27 12.49
N LEU B 192 -7.97 8.11 12.34
CA LEU B 192 -7.79 6.98 13.23
C LEU B 192 -6.43 6.35 12.92
N PRO B 193 -5.70 5.82 13.93
CA PRO B 193 -4.40 5.19 13.64
C PRO B 193 -4.51 3.69 13.32
N TRP B 194 -3.53 3.15 12.61
CA TRP B 194 -3.48 1.73 12.28
C TRP B 194 -3.03 0.94 13.49
N GLY B 195 -3.64 -0.22 13.69
CA GLY B 195 -3.33 -1.12 14.81
C GLY B 195 -3.12 -2.54 14.30
N LYS B 196 -2.77 -3.43 15.23
CA LYS B 196 -2.51 -4.84 14.93
C LYS B 196 -3.77 -5.55 14.38
N ALA B 197 -3.56 -6.50 13.47
CA ALA B 197 -4.65 -7.27 12.88
C ALA B 197 -5.05 -8.37 13.86
N ASP B 198 -6.27 -8.91 13.71
CA ASP B 198 -6.79 -10.00 14.61
C ASP B 198 -6.38 -11.43 14.24
N THR B 199 -6.69 -11.85 13.01
CA THR B 199 -6.40 -13.21 12.53
C THR B 199 -4.89 -13.52 12.40
N VAL B 200 -4.54 -14.81 12.57
CA VAL B 200 -3.15 -15.30 12.49
C VAL B 200 -2.55 -15.25 11.08
N GLN B 201 -3.41 -15.39 10.06
CA GLN B 201 -2.98 -15.37 8.66
C GLN B 201 -2.62 -13.97 8.14
N PHE B 202 -3.33 -12.93 8.63
CA PHE B 202 -3.08 -11.55 8.22
C PHE B 202 -2.19 -10.78 9.22
N VAL B 203 -1.08 -11.39 9.64
CA VAL B 203 -0.13 -10.75 10.58
C VAL B 203 0.61 -9.57 9.90
N GLN B 204 0.90 -9.69 8.60
CA GLN B 204 1.55 -8.66 7.77
C GLN B 204 0.48 -7.75 7.13
N ALA B 205 -0.26 -7.10 8.01
CA ALA B 205 -1.32 -6.22 7.64
C ALA B 205 -1.72 -5.48 8.89
N ASN B 206 -2.47 -4.40 8.72
CA ASN B 206 -2.97 -3.65 9.85
C ASN B 206 -4.46 -3.45 9.67
N LYS B 207 -5.10 -3.13 10.79
CA LYS B 207 -6.53 -3.02 10.86
C LYS B 207 -6.98 -1.74 11.56
N LYS B 208 -8.11 -1.20 11.10
CA LYS B 208 -8.74 0.00 11.67
C LYS B 208 -10.19 -0.30 12.00
N TRP B 209 -10.47 -0.61 13.25
CA TRP B 209 -11.84 -0.90 13.65
C TRP B 209 -12.74 0.34 13.58
N LEU B 210 -13.89 0.18 12.90
CA LEU B 210 -14.91 1.23 12.79
C LEU B 210 -16.11 0.94 13.71
N ARG B 211 -16.45 -0.34 13.88
CA ARG B 211 -17.57 -0.73 14.71
C ARG B 211 -17.47 -2.19 15.10
N LYS B 212 -17.85 -2.52 16.33
CA LYS B 212 -17.82 -3.87 16.87
C LYS B 212 -19.18 -4.25 17.47
N ASP B 213 -19.72 -5.41 17.07
CA ASP B 213 -21.00 -5.94 17.58
C ASP B 213 -20.88 -6.33 19.02
N ILE B 214 -22.02 -6.60 19.64
CA ILE B 214 -22.03 -7.10 21.02
C ILE B 214 -21.50 -8.56 20.97
N ASN B 215 -21.63 -9.24 19.81
CA ASN B 215 -21.12 -10.61 19.59
C ASN B 215 -19.66 -10.67 19.04
N GLY B 216 -19.00 -9.53 18.89
CA GLY B 216 -17.61 -9.50 18.39
C GLY B 216 -17.44 -9.36 16.88
N GLY B 217 -18.53 -9.42 16.11
CA GLY B 217 -18.47 -9.21 14.66
C GLY B 217 -18.31 -7.71 14.44
N GLY B 218 -18.01 -7.26 13.23
CA GLY B 218 -17.85 -5.83 13.03
C GLY B 218 -17.46 -5.32 11.66
N VAL B 219 -17.05 -4.05 11.64
CA VAL B 219 -16.65 -3.37 10.43
C VAL B 219 -15.27 -2.78 10.67
N TRP B 220 -14.41 -2.86 9.66
CA TRP B 220 -13.07 -2.31 9.75
C TRP B 220 -12.44 -2.13 8.40
N LEU B 221 -11.36 -1.34 8.39
CA LEU B 221 -10.55 -1.11 7.21
C LEU B 221 -9.32 -1.99 7.39
N LEU B 222 -8.93 -2.67 6.32
CA LEU B 222 -7.80 -3.56 6.30
C LEU B 222 -6.73 -3.00 5.37
N ALA B 223 -5.52 -2.83 5.89
CA ALA B 223 -4.40 -2.34 5.08
C ALA B 223 -3.48 -3.53 4.91
N ILE B 224 -3.33 -4.00 3.68
CA ILE B 224 -2.46 -5.12 3.37
C ILE B 224 -1.18 -4.49 2.86
N LEU B 225 -0.07 -4.81 3.51
CA LEU B 225 1.22 -4.30 3.12
C LEU B 225 1.67 -4.93 1.82
N PRO B 226 2.63 -4.32 1.10
CA PRO B 226 3.16 -4.93 -0.12
C PRO B 226 3.80 -6.32 0.13
N HIS B 227 4.18 -7.02 -0.93
CA HIS B 227 4.78 -8.38 -0.85
C HIS B 227 4.05 -9.35 0.09
N PHE B 228 2.72 -9.31 0.07
CA PHE B 228 1.90 -10.15 0.91
C PHE B 228 1.60 -11.49 0.23
N ASP B 229 1.56 -12.55 1.04
CA ASP B 229 1.26 -13.90 0.58
C ASP B 229 0.79 -14.72 1.79
N ASN B 230 -0.53 -14.97 1.89
CA ASN B 230 -1.09 -15.74 3.02
C ASN B 230 -0.75 -17.25 2.97
N LYS B 231 -0.19 -17.72 1.84
CA LYS B 231 0.30 -19.10 1.64
C LYS B 231 -0.71 -20.23 1.44
N TYR B 232 -1.82 -20.22 2.18
CA TYR B 232 -2.81 -21.27 2.11
C TYR B 232 -4.19 -20.76 1.83
N GLN B 233 -5.11 -21.71 1.60
CA GLN B 233 -6.52 -21.38 1.39
C GLN B 233 -7.09 -21.17 2.76
N ILE B 235 -10.71 -21.65 5.15
CA ILE B 235 -12.07 -22.07 5.39
C ILE B 235 -12.57 -21.00 6.36
N GLN B 236 -13.59 -20.25 5.92
CA GLN B 236 -14.15 -19.17 6.70
C GLN B 236 -15.55 -19.49 7.22
N PRO B 237 -15.67 -20.04 8.46
CA PRO B 237 -16.99 -20.36 9.06
C PRO B 237 -17.74 -19.12 9.56
N TYR B 238 -18.04 -18.20 8.66
CA TYR B 238 -18.71 -16.95 8.98
C TYR B 238 -19.00 -16.19 7.71
N ASN B 239 -19.88 -15.18 7.79
CA ASN B 239 -20.20 -14.35 6.63
C ASN B 239 -19.26 -13.14 6.60
N GLU B 240 -18.82 -12.77 5.40
CA GLU B 240 -17.93 -11.63 5.18
C GLU B 240 -18.21 -10.99 3.83
N GLU B 241 -18.09 -9.67 3.78
CA GLU B 241 -18.22 -8.92 2.54
C GLU B 241 -17.17 -7.85 2.61
N GLY B 242 -16.82 -7.29 1.46
CA GLY B 242 -15.85 -6.22 1.43
C GLY B 242 -15.76 -5.50 0.12
N TYR B 243 -15.16 -4.32 0.16
CA TYR B 243 -15.00 -3.47 -1.01
C TYR B 243 -13.55 -2.98 -1.06
N CYS B 244 -12.94 -3.03 -2.25
CA CYS B 244 -11.55 -2.60 -2.44
C CYS B 244 -11.49 -1.13 -2.78
N LEU B 245 -10.81 -0.36 -1.94
CA LEU B 245 -10.67 1.09 -2.08
C LEU B 245 -9.42 1.53 -2.84
N THR B 246 -8.34 0.79 -2.68
CA THR B 246 -7.05 1.08 -3.31
C THR B 246 -6.20 -0.16 -3.48
N GLY B 247 -5.30 -0.13 -4.45
CA GLY B 247 -4.38 -1.22 -4.71
C GLY B 247 -5.05 -2.46 -5.25
N TYR B 248 -4.47 -3.63 -4.95
CA TYR B 248 -5.05 -4.88 -5.42
C TYR B 248 -4.72 -6.07 -4.54
N CYS B 249 -5.42 -7.17 -4.82
CA CYS B 249 -5.17 -8.43 -4.15
C CYS B 249 -5.64 -9.58 -5.02
N ASP B 250 -4.70 -10.44 -5.42
CA ASP B 250 -5.02 -11.62 -6.20
C ASP B 250 -5.50 -12.63 -5.21
N VAL B 251 -6.65 -13.22 -5.50
CA VAL B 251 -7.20 -14.28 -4.68
C VAL B 251 -7.51 -15.39 -5.70
N GLY B 252 -6.60 -16.35 -5.79
CA GLY B 252 -6.70 -17.44 -6.76
C GLY B 252 -6.31 -16.80 -8.08
N ASP B 253 -7.12 -17.03 -9.11
CA ASP B 253 -6.84 -16.45 -10.44
C ASP B 253 -7.63 -15.13 -10.72
N TYR B 254 -8.33 -14.60 -9.70
CA TYR B 254 -9.09 -13.37 -9.81
C TYR B 254 -8.28 -12.26 -9.15
N ARG B 255 -8.24 -11.10 -9.79
CA ARG B 255 -7.54 -9.91 -9.28
C ARG B 255 -8.54 -8.87 -8.81
N ILE B 256 -8.59 -8.66 -7.51
CA ILE B 256 -9.49 -7.67 -6.92
C ILE B 256 -8.72 -6.34 -6.96
N VAL B 257 -9.27 -5.33 -7.63
CA VAL B 257 -8.67 -3.97 -7.73
C VAL B 257 -9.70 -2.97 -7.24
N LYS B 258 -9.38 -1.68 -7.27
CA LYS B 258 -10.29 -0.61 -6.84
C LYS B 258 -11.70 -0.78 -7.42
N ASP B 259 -12.69 -0.60 -6.54
CA ASP B 259 -14.13 -0.72 -6.84
C ASP B 259 -14.67 -2.17 -7.05
N HIS B 260 -13.86 -3.18 -6.73
CA HIS B 260 -14.31 -4.58 -6.80
C HIS B 260 -14.85 -4.91 -5.41
N TYR B 261 -15.88 -5.74 -5.38
CA TYR B 261 -16.55 -6.16 -4.17
C TYR B 261 -16.61 -7.67 -4.04
N TRP B 262 -16.74 -8.16 -2.81
CA TRP B 262 -16.86 -9.59 -2.58
C TRP B 262 -17.89 -9.92 -1.51
N TYR B 263 -18.35 -11.16 -1.55
CA TYR B 263 -19.31 -11.72 -0.63
C TYR B 263 -18.96 -13.19 -0.44
N CYS B 264 -18.67 -13.57 0.81
CA CYS B 264 -18.31 -14.91 1.19
C CYS B 264 -19.23 -15.40 2.26
N PRO B 265 -20.23 -16.23 1.90
CA PRO B 265 -21.12 -16.72 2.95
C PRO B 265 -20.40 -17.74 3.84
N SER B 266 -21.06 -18.11 4.93
CA SER B 266 -20.48 -19.05 5.90
C SER B 266 -19.96 -20.36 5.27
N PHE B 267 -18.74 -20.75 5.67
CA PHE B 267 -18.02 -21.96 5.24
C PHE B 267 -17.48 -21.94 3.80
N SER B 268 -17.17 -20.75 3.29
CA SER B 268 -16.59 -20.62 1.96
C SER B 268 -15.13 -21.00 2.13
N THR B 269 -14.51 -21.42 1.03
CA THR B 269 -13.12 -21.81 1.01
C THR B 269 -12.40 -20.82 0.12
N LEU B 270 -11.83 -19.79 0.75
CA LEU B 270 -11.13 -18.73 0.03
C LEU B 270 -9.76 -19.16 -0.47
N PRO B 271 -9.45 -18.94 -1.76
CA PRO B 271 -8.11 -19.29 -2.26
C PRO B 271 -6.98 -18.46 -1.66
N ARG B 272 -5.75 -18.77 -2.07
CA ARG B 272 -4.58 -18.07 -1.60
C ARG B 272 -4.67 -16.61 -2.04
N HIS B 273 -4.22 -15.70 -1.17
CA HIS B 273 -4.18 -14.25 -1.38
C HIS B 273 -2.74 -13.78 -1.64
N ILE B 274 -2.51 -13.10 -2.76
CA ILE B 274 -1.19 -12.58 -3.10
C ILE B 274 -1.31 -11.16 -3.64
N THR B 275 -0.37 -10.28 -3.25
CA THR B 275 -0.31 -8.91 -3.75
C THR B 275 1.06 -8.32 -3.50
N ASP B 276 1.70 -7.92 -4.60
CA ASP B 276 3.02 -7.31 -4.55
C ASP B 276 2.94 -5.83 -4.17
N ASP B 277 1.79 -5.19 -4.44
CA ASP B 277 1.58 -3.76 -4.19
C ASP B 277 0.88 -3.45 -2.85
N GLY B 278 -0.01 -4.33 -2.42
CA GLY B 278 -0.75 -4.13 -1.18
C GLY B 278 -2.05 -3.43 -1.52
N GLY B 279 -2.78 -2.97 -0.51
CA GLY B 279 -4.05 -2.27 -0.74
C GLY B 279 -4.84 -1.92 0.52
N LEU B 280 -5.91 -1.16 0.32
CA LEU B 280 -6.82 -0.72 1.37
C LEU B 280 -8.15 -1.34 1.06
N PHE B 281 -8.82 -1.93 2.07
CA PHE B 281 -10.09 -2.63 1.89
C PHE B 281 -11.12 -2.41 3.01
N PHE B 282 -12.37 -2.14 2.62
CA PHE B 282 -13.46 -1.99 3.57
C PHE B 282 -13.95 -3.41 3.78
N VAL B 283 -13.97 -3.88 5.03
CA VAL B 283 -14.39 -5.24 5.36
C VAL B 283 -15.43 -5.25 6.45
N ARG B 284 -16.39 -6.18 6.34
CA ARG B 284 -17.46 -6.33 7.30
C ARG B 284 -17.69 -7.84 7.53
N VAL B 285 -17.60 -8.26 8.80
CA VAL B 285 -17.72 -9.67 9.22
C VAL B 285 -18.68 -9.82 10.40
N ASP B 286 -19.54 -10.84 10.37
CA ASP B 286 -20.56 -11.05 11.43
C ASP B 286 -20.20 -12.08 12.53
N ARG B 287 -18.91 -12.26 12.78
CA ARG B 287 -18.47 -13.23 13.78
C ARG B 287 -17.14 -12.80 14.36
N ASP B 288 -16.92 -13.14 15.64
CA ASP B 288 -15.67 -12.82 16.34
C ASP B 288 -14.60 -13.81 15.90
N LEU B 289 -13.57 -13.31 15.22
CA LEU B 289 -12.46 -14.14 14.73
C LEU B 289 -11.27 -14.26 15.69
N SER B 290 -11.43 -13.89 16.96
CA SER B 290 -10.35 -14.02 17.95
C SER B 290 -10.32 -15.44 18.52
N LYS B 291 -11.47 -16.12 18.53
CA LYS B 291 -11.61 -17.50 19.03
C LYS B 291 -10.85 -18.55 18.22
N VAL B 292 -10.54 -19.65 18.90
CA VAL B 292 -9.82 -20.78 18.32
C VAL B 292 -10.68 -21.47 17.25
N ALA B 293 -10.03 -21.82 16.15
CA ALA B 293 -10.65 -22.51 15.02
C ALA B 293 -11.74 -21.72 14.27
N THR B 294 -11.57 -20.38 14.21
CA THR B 294 -12.52 -19.50 13.50
C THR B 294 -12.03 -19.17 12.09
N VAL B 295 -10.73 -19.24 11.80
CA VAL B 295 -10.17 -19.01 10.47
C VAL B 295 -9.19 -20.17 10.32
N LEU B 296 -9.54 -21.11 9.46
CA LEU B 296 -8.79 -22.34 9.29
C LEU B 296 -7.96 -22.41 8.02
N SER B 297 -6.62 -22.36 8.15
CA SER B 297 -5.73 -22.46 7.00
C SER B 297 -5.87 -23.86 6.41
N TYR B 298 -6.03 -23.93 5.08
CA TYR B 298 -6.24 -25.17 4.34
C TYR B 298 -5.31 -25.26 3.11
N ALA B 299 -4.62 -26.40 2.94
CA ALA B 299 -3.67 -26.60 1.84
C ALA B 299 -3.66 -28.06 1.37
N PRO B 300 -4.66 -28.47 0.57
CA PRO B 300 -4.72 -29.86 0.09
C PRO B 300 -3.67 -30.28 -0.94
N GLN B 301 -3.28 -31.55 -0.89
CA GLN B 301 -2.29 -32.18 -1.78
C GLN B 301 -3.07 -32.99 -2.83
N ASP B 302 -2.39 -33.83 -3.63
CA ASP B 302 -3.07 -34.67 -4.67
C ASP B 302 -2.54 -36.10 -4.70
#